data_5ICQ
#
_entry.id   5ICQ
#
_cell.length_a   122.200
_cell.length_b   141.500
_cell.length_c   83.100
_cell.angle_alpha   90.00
_cell.angle_beta   90.00
_cell.angle_gamma   90.00
#
_symmetry.space_group_name_H-M   'C 2 2 21'
#
loop_
_entity.id
_entity.type
_entity.pdbx_description
1 polymer 'Methylocystis parvus OBBP MbnE'
2 non-polymer 'SULFATE ION'
3 water water
#
_entity_poly.entity_id   1
_entity_poly.type   'polypeptide(L)'
_entity_poly.pdbx_seq_one_letter_code
;MHHHHHHSSGVDLGTENLYFQSMGPMSDPAPAADSHGLAMHGAPQLPKDFDHFPYADPAAKKGGRLRVGLPGTFDSLNPF
NVKSGTAAQGLVGNVFQGLMARSQDEPFTLYPLIAQSIDIDPARTRVTFHLDPRAHFSDGKPITAEDVLFSFDLLKAKGR
PQQRIAYGLVKSATAPDPHRVAYDLTGVGDRELPLILAIMPVLPKHALDVERFSDATLAKPLGSGPYVVADVQAGARLLL
KRDPNYWGADIPSQRGFYNFDEIDLQYFRDGNSLFEAFKAGLIDYRDETSTTRWSTGYDFPALRDGRMARESLKNENPKG
LNGFVFNTRRALFKDARLREAFGMMFDFEWVNANYYAGLYTRTKSFFDESELSSSGRGASEKERALLAPWPDAVRAEILE
GEWRPPVSDGSGRDRDMARRALDLLAAAGCRVDGDRLMKDGEPFSFEIMVKDRDQERLALAYASSLARIGVEVRVRLVDE
VQYQRRRQKFDFDMMIGQYVASASPGNEQRMRWSSATANQESSFNLAGAASPAIDGMISALLSARSQEDFVTAVRAYDRV
LLSGFYVVPLFHASEQWIAHSTDIVRPERSPRYGSPIFGPTLESWWRKNP
;
_entity_poly.pdbx_strand_id   A
#
loop_
_chem_comp.id
_chem_comp.type
_chem_comp.name
_chem_comp.formula
SO4 non-polymer 'SULFATE ION' 'O4 S -2'
#
# COMPACT_ATOMS: atom_id res chain seq x y z
N SER A 35 -4.73 6.92 26.15
CA SER A 35 -4.67 5.70 26.96
C SER A 35 -5.56 4.57 26.41
N HIS A 36 -6.58 4.94 25.65
CA HIS A 36 -7.46 3.96 25.00
C HIS A 36 -7.49 4.14 23.49
N GLY A 37 -6.51 4.84 22.96
CA GLY A 37 -6.37 5.07 21.53
C GLY A 37 -4.98 5.56 21.26
N LEU A 38 -4.45 5.25 20.08
CA LEU A 38 -3.10 5.65 19.72
C LEU A 38 -3.13 6.05 18.24
N ALA A 39 -2.97 7.34 17.97
CA ALA A 39 -2.84 7.84 16.60
C ALA A 39 -1.36 8.06 16.29
N MET A 40 -0.97 7.75 15.04
CA MET A 40 0.42 7.98 14.66
C MET A 40 0.79 9.46 14.83
N HIS A 41 -0.10 10.36 14.39
CA HIS A 41 0.08 11.80 14.54
C HIS A 41 -1.19 12.40 15.12
N GLY A 42 -1.02 13.33 16.06
CA GLY A 42 -2.20 13.92 16.65
C GLY A 42 -2.88 12.96 17.61
N ALA A 43 -4.18 13.17 17.81
CA ALA A 43 -5.02 12.51 18.79
C ALA A 43 -6.00 11.57 18.10
N PRO A 44 -6.36 10.45 18.75
CA PRO A 44 -7.36 9.56 18.17
C PRO A 44 -8.67 10.31 18.01
N GLN A 45 -9.37 10.08 16.89
CA GLN A 45 -10.57 10.86 16.63
C GLN A 45 -11.80 10.31 17.34
N LEU A 46 -11.79 9.01 17.75
CA LEU A 46 -12.96 8.50 18.48
C LEU A 46 -12.83 8.76 19.97
N PRO A 47 -13.92 9.13 20.63
CA PRO A 47 -13.90 9.29 22.09
C PRO A 47 -13.63 7.97 22.79
N LYS A 48 -13.16 8.07 24.04
CA LYS A 48 -12.80 6.89 24.80
C LYS A 48 -13.94 5.88 24.87
N ASP A 49 -15.18 6.37 24.91
CA ASP A 49 -16.36 5.53 25.09
C ASP A 49 -17.11 5.27 23.79
N PHE A 50 -16.44 5.35 22.64
CA PHE A 50 -17.13 5.09 21.38
C PHE A 50 -17.75 3.69 21.39
N ASP A 51 -18.88 3.56 20.71
CA ASP A 51 -19.63 2.31 20.70
C ASP A 51 -19.16 1.35 19.61
N HIS A 52 -18.80 1.88 18.45
CA HIS A 52 -18.34 1.05 17.33
C HIS A 52 -17.60 1.94 16.36
N PHE A 53 -16.82 1.32 15.48
CA PHE A 53 -16.17 2.09 14.42
C PHE A 53 -17.23 2.67 13.49
N PRO A 54 -17.05 3.89 12.98
CA PRO A 54 -18.14 4.55 12.25
C PRO A 54 -18.50 3.89 10.92
N TYR A 55 -17.62 3.07 10.34
CA TYR A 55 -17.93 2.35 9.12
C TYR A 55 -18.43 0.92 9.38
N ALA A 56 -18.71 0.58 10.64
CA ALA A 56 -19.41 -0.65 10.95
C ALA A 56 -20.86 -0.33 11.24
N ASP A 57 -21.74 -1.27 10.96
CA ASP A 57 -23.15 -1.10 11.30
C ASP A 57 -23.53 -2.11 12.38
N PRO A 58 -23.77 -1.67 13.62
CA PRO A 58 -24.14 -2.63 14.67
C PRO A 58 -25.43 -3.36 14.40
N ALA A 59 -26.29 -2.87 13.49
CA ALA A 59 -27.49 -3.60 13.14
C ALA A 59 -27.25 -4.67 12.07
N ALA A 60 -26.00 -4.87 11.64
CA ALA A 60 -25.71 -5.92 10.66
C ALA A 60 -26.26 -7.25 11.13
N LYS A 61 -26.88 -7.99 10.21
CA LYS A 61 -27.45 -9.28 10.55
C LYS A 61 -26.39 -10.38 10.55
N LYS A 62 -26.55 -11.37 11.44
CA LYS A 62 -25.64 -12.49 11.52
C LYS A 62 -26.18 -13.71 10.77
N GLY A 63 -25.29 -14.44 10.12
CA GLY A 63 -25.64 -15.69 9.46
C GLY A 63 -25.15 -15.73 8.03
N GLY A 64 -25.23 -16.92 7.46
CA GLY A 64 -24.99 -17.12 6.04
C GLY A 64 -23.53 -17.40 5.72
N ARG A 65 -23.31 -17.83 4.48
CA ARG A 65 -21.98 -18.12 3.97
C ARG A 65 -21.60 -17.09 2.91
N LEU A 66 -20.46 -16.43 3.08
CA LEU A 66 -19.91 -15.57 2.04
C LEU A 66 -18.98 -16.39 1.15
N ARG A 67 -19.17 -16.31 -0.16
CA ARG A 67 -18.29 -16.98 -1.11
C ARG A 67 -17.38 -15.92 -1.73
N VAL A 68 -16.09 -16.03 -1.42
CA VAL A 68 -15.04 -15.12 -1.85
C VAL A 68 -14.19 -15.83 -2.89
N GLY A 69 -13.82 -15.12 -3.95
CA GLY A 69 -12.97 -15.68 -4.98
C GLY A 69 -11.69 -14.89 -5.18
N LEU A 70 -10.57 -15.60 -5.26
CA LEU A 70 -9.27 -14.98 -5.36
C LEU A 70 -8.48 -15.60 -6.51
N PRO A 71 -7.66 -14.82 -7.19
CA PRO A 71 -6.82 -15.39 -8.25
C PRO A 71 -5.58 -16.06 -7.68
N GLY A 72 -5.06 -17.04 -8.41
CA GLY A 72 -3.82 -17.66 -8.00
C GLY A 72 -4.02 -18.90 -7.16
N THR A 73 -3.13 -19.11 -6.18
CA THR A 73 -3.16 -20.33 -5.40
C THR A 73 -2.55 -20.05 -4.02
N PHE A 74 -2.51 -21.08 -3.19
CA PHE A 74 -1.88 -20.97 -1.88
C PHE A 74 -1.43 -22.36 -1.45
N ASP A 75 -0.41 -22.39 -0.58
CA ASP A 75 0.02 -23.66 -0.03
C ASP A 75 0.38 -23.58 1.46
N SER A 76 -0.03 -22.52 2.16
CA SER A 76 0.34 -22.35 3.55
C SER A 76 -0.74 -21.54 4.26
N LEU A 77 -0.91 -21.81 5.54
CA LEU A 77 -1.80 -21.02 6.39
C LEU A 77 -1.02 -20.15 7.37
N ASN A 78 0.25 -19.87 7.08
CA ASN A 78 1.09 -19.02 7.92
C ASN A 78 1.40 -17.75 7.15
N PRO A 79 0.74 -16.63 7.47
CA PRO A 79 1.01 -15.38 6.75
C PRO A 79 2.20 -14.60 7.28
N PHE A 80 2.91 -15.11 8.28
CA PHE A 80 3.89 -14.30 8.98
C PHE A 80 5.33 -14.74 8.76
N ASN A 81 5.57 -15.87 8.09
CA ASN A 81 6.93 -16.28 7.78
C ASN A 81 7.33 -15.69 6.41
N VAL A 82 8.60 -15.89 6.05
CA VAL A 82 9.09 -15.31 4.80
C VAL A 82 9.26 -16.38 3.72
N THR A 86 3.31 -19.67 -0.18
CA THR A 86 2.21 -18.78 -0.58
C THR A 86 1.02 -18.90 0.37
N ALA A 87 0.86 -17.94 1.28
CA ALA A 87 -0.12 -18.07 2.33
C ALA A 87 -1.50 -17.67 1.84
N ALA A 88 -2.51 -18.39 2.31
CA ALA A 88 -3.90 -18.03 2.04
C ALA A 88 -4.21 -16.66 2.62
N GLN A 89 -5.11 -15.93 1.98
CA GLN A 89 -5.59 -14.68 2.54
C GLN A 89 -6.75 -14.96 3.47
N GLY A 90 -7.18 -13.92 4.19
CA GLY A 90 -8.30 -14.07 5.10
C GLY A 90 -7.94 -14.52 6.49
N LEU A 91 -6.65 -14.70 6.81
CA LEU A 91 -6.29 -15.19 8.15
C LEU A 91 -6.04 -14.06 9.12
N VAL A 92 -5.41 -12.99 8.66
CA VAL A 92 -5.19 -11.84 9.53
C VAL A 92 -6.54 -11.22 9.85
N GLY A 93 -6.74 -10.86 11.12
CA GLY A 93 -8.00 -10.25 11.53
C GLY A 93 -9.05 -11.29 11.88
N ASN A 94 -9.37 -12.17 10.93
CA ASN A 94 -10.37 -13.21 11.18
C ASN A 94 -9.88 -14.25 12.17
N VAL A 95 -8.61 -14.62 12.09
CA VAL A 95 -8.03 -15.65 12.94
C VAL A 95 -6.97 -15.07 13.86
N PHE A 96 -5.97 -14.39 13.29
CA PHE A 96 -4.86 -13.84 14.07
C PHE A 96 -5.13 -12.37 14.40
N GLN A 97 -4.98 -12.02 15.67
CA GLN A 97 -5.32 -10.68 16.14
C GLN A 97 -4.10 -9.97 16.71
N GLY A 98 -4.08 -8.64 16.56
CA GLY A 98 -3.07 -7.84 17.21
C GLY A 98 -3.51 -7.35 18.58
N LEU A 99 -2.58 -6.65 19.25
CA LEU A 99 -2.90 -6.03 20.53
C LEU A 99 -3.95 -4.93 20.37
N MET A 100 -3.93 -4.20 19.25
CA MET A 100 -4.86 -3.12 19.01
C MET A 100 -5.40 -3.25 17.60
N ALA A 101 -6.59 -2.70 17.40
CA ALA A 101 -7.32 -2.79 16.14
C ALA A 101 -7.23 -1.44 15.42
N ARG A 102 -6.92 -1.48 14.13
CA ARG A 102 -6.76 -0.24 13.37
C ARG A 102 -8.11 0.21 12.82
N SER A 103 -8.49 1.45 13.09
CA SER A 103 -9.67 2.02 12.44
C SER A 103 -9.28 2.51 11.06
N GLN A 104 -9.95 1.98 10.03
CA GLN A 104 -9.67 2.45 8.68
C GLN A 104 -10.36 3.76 8.35
N ASP A 105 -10.99 4.40 9.33
CA ASP A 105 -11.57 5.71 9.14
C ASP A 105 -10.59 6.85 9.43
N GLU A 106 -9.36 6.53 9.86
CA GLU A 106 -8.32 7.50 10.15
C GLU A 106 -7.06 7.07 9.41
N PRO A 107 -6.13 8.00 9.16
CA PRO A 107 -4.89 7.60 8.46
C PRO A 107 -4.13 6.47 9.15
N PHE A 108 -3.89 6.62 10.46
CA PHE A 108 -3.20 5.57 11.22
C PHE A 108 -3.52 5.72 12.70
N THR A 109 -4.64 5.15 13.14
CA THR A 109 -5.04 5.21 14.54
C THR A 109 -5.48 3.82 15.00
N LEU A 110 -5.06 3.44 16.20
CA LEU A 110 -5.32 2.11 16.76
C LEU A 110 -6.20 2.23 18.00
N TYR A 111 -7.06 1.23 18.22
CA TYR A 111 -7.99 1.18 19.33
C TYR A 111 -7.91 -0.17 20.01
N PRO A 112 -8.41 -0.29 21.25
CA PRO A 112 -8.16 -1.52 22.02
C PRO A 112 -8.69 -2.78 21.34
N LEU A 113 -7.92 -3.85 21.48
CA LEU A 113 -8.33 -5.18 21.08
C LEU A 113 -7.86 -6.13 22.19
N ILE A 114 -6.86 -6.97 21.93
CA ILE A 114 -6.34 -7.82 23.01
C ILE A 114 -5.79 -6.97 24.15
N ALA A 115 -5.15 -5.85 23.83
CA ALA A 115 -4.80 -4.87 24.87
C ALA A 115 -5.99 -3.96 25.12
N GLN A 116 -6.46 -3.90 26.37
CA GLN A 116 -7.59 -3.04 26.68
C GLN A 116 -7.16 -1.58 26.87
N SER A 117 -5.89 -1.32 27.14
CA SER A 117 -5.41 0.06 27.25
C SER A 117 -3.89 0.05 27.10
N ILE A 118 -3.33 1.26 26.97
CA ILE A 118 -1.90 1.42 26.78
CA ILE A 118 -1.92 1.49 26.72
C ILE A 118 -1.38 2.53 27.70
N ASP A 119 -0.11 2.39 28.09
CA ASP A 119 0.63 3.42 28.80
C ASP A 119 1.78 3.85 27.90
N ILE A 120 1.76 5.11 27.47
CA ILE A 120 2.78 5.59 26.55
C ILE A 120 3.06 7.05 26.87
N ASP A 121 4.31 7.46 26.69
CA ASP A 121 4.69 8.85 26.91
C ASP A 121 4.68 9.61 25.59
N PRO A 122 4.55 10.94 25.62
CA PRO A 122 4.54 11.70 24.37
C PRO A 122 5.80 11.53 23.52
N ALA A 123 6.96 11.35 24.16
CA ALA A 123 8.20 11.16 23.42
C ALA A 123 8.36 9.74 22.88
N ARG A 124 7.48 8.82 23.26
CA ARG A 124 7.48 7.45 22.76
C ARG A 124 8.81 6.75 23.02
N THR A 125 9.29 6.88 24.26
CA THR A 125 10.45 6.13 24.73
C THR A 125 10.08 4.81 25.38
N ARG A 126 8.80 4.62 25.73
CA ARG A 126 8.23 3.45 26.42
C ARG A 126 6.82 3.23 25.97
N VAL A 127 6.41 1.97 25.99
CA VAL A 127 4.99 1.64 25.89
C VAL A 127 4.71 0.35 26.64
N THR A 128 3.67 0.37 27.49
CA THR A 128 3.19 -0.80 28.17
C THR A 128 1.76 -1.09 27.72
N PHE A 129 1.50 -2.34 27.37
CA PHE A 129 0.16 -2.80 26.99
C PHE A 129 -0.48 -3.50 28.18
N HIS A 130 -1.69 -3.09 28.54
CA HIS A 130 -2.48 -3.77 29.54
C HIS A 130 -3.43 -4.72 28.83
N LEU A 131 -3.24 -6.03 29.02
CA LEU A 131 -4.02 -7.03 28.30
C LEU A 131 -5.41 -7.18 28.89
N ASP A 132 -6.39 -7.42 28.02
CA ASP A 132 -7.77 -7.63 28.45
C ASP A 132 -7.89 -9.02 29.07
N PRO A 133 -8.29 -9.14 30.35
CA PRO A 133 -8.39 -10.47 30.97
C PRO A 133 -9.47 -11.35 30.35
N ARG A 134 -10.37 -10.78 29.53
CA ARG A 134 -11.36 -11.58 28.82
C ARG A 134 -10.77 -12.33 27.63
N ALA A 135 -9.59 -11.94 27.15
CA ALA A 135 -9.09 -12.46 25.88
C ALA A 135 -8.65 -13.92 26.00
N HIS A 136 -9.05 -14.73 25.01
CA HIS A 136 -8.60 -16.13 24.97
C HIS A 136 -8.50 -16.61 23.54
N PHE A 137 -7.65 -17.61 23.33
CA PHE A 137 -7.59 -18.23 22.01
C PHE A 137 -8.84 -19.08 21.80
N SER A 138 -9.00 -19.58 20.57
CA SER A 138 -10.25 -20.24 20.23
C SER A 138 -10.40 -21.62 20.88
N ASP A 139 -9.35 -22.14 21.51
CA ASP A 139 -9.48 -23.34 22.33
C ASP A 139 -9.84 -23.01 23.77
N GLY A 140 -10.05 -21.73 24.09
CA GLY A 140 -10.39 -21.30 25.42
C GLY A 140 -9.20 -20.88 26.28
N LYS A 141 -7.97 -21.15 25.86
CA LYS A 141 -6.80 -20.82 26.67
C LYS A 141 -6.66 -19.29 26.78
N PRO A 142 -6.52 -18.75 27.99
CA PRO A 142 -6.37 -17.30 28.14
C PRO A 142 -5.11 -16.79 27.45
N ILE A 143 -5.21 -15.60 26.88
CA ILE A 143 -4.03 -14.90 26.38
C ILE A 143 -3.33 -14.21 27.54
N THR A 144 -2.02 -14.41 27.67
CA THR A 144 -1.25 -13.74 28.73
C THR A 144 -0.04 -13.04 28.13
N ALA A 145 0.67 -12.28 28.98
CA ALA A 145 1.88 -11.60 28.54
C ALA A 145 2.90 -12.58 27.98
N GLU A 146 2.91 -13.81 28.50
CA GLU A 146 3.80 -14.85 27.99
C GLU A 146 3.58 -15.09 26.49
N ASP A 147 2.32 -15.05 26.02
CA ASP A 147 2.06 -15.23 24.59
C ASP A 147 2.58 -14.04 23.78
N VAL A 148 2.44 -12.83 24.31
CA VAL A 148 2.90 -11.65 23.58
C VAL A 148 4.43 -11.66 23.45
N LEU A 149 5.13 -12.00 24.55
CA LEU A 149 6.60 -12.05 24.49
C LEU A 149 7.08 -13.19 23.61
N PHE A 150 6.40 -14.35 23.67
CA PHE A 150 6.70 -15.45 22.77
C PHE A 150 6.57 -15.02 21.31
N SER A 151 5.50 -14.28 21.00
CA SER A 151 5.27 -13.85 19.62
C SER A 151 6.31 -12.82 19.19
N PHE A 152 6.59 -11.86 20.08
CA PHE A 152 7.62 -10.86 19.79
C PHE A 152 8.96 -11.52 19.51
N ASP A 153 9.39 -12.45 20.37
CA ASP A 153 10.68 -13.12 20.17
C ASP A 153 10.69 -13.92 18.87
N LEU A 154 9.61 -14.65 18.58
CA LEU A 154 9.55 -15.47 17.38
C LEU A 154 9.60 -14.61 16.12
N LEU A 155 8.81 -13.54 16.10
CA LEU A 155 8.73 -12.71 14.90
C LEU A 155 9.99 -11.88 14.72
N LYS A 156 10.62 -11.47 15.82
CA LYS A 156 11.90 -10.77 15.72
C LYS A 156 12.94 -11.65 15.05
N ALA A 157 12.91 -12.96 15.33
CA ALA A 157 13.88 -13.87 14.75
C ALA A 157 13.47 -14.37 13.36
N LYS A 158 12.17 -14.54 13.11
CA LYS A 158 11.73 -15.28 11.92
C LYS A 158 10.70 -14.53 11.07
N GLY A 159 10.40 -13.28 11.37
CA GLY A 159 9.36 -12.58 10.65
C GLY A 159 9.86 -11.94 9.38
N ARG A 160 9.04 -11.02 8.84
CA ARG A 160 9.39 -10.28 7.64
C ARG A 160 10.59 -9.37 7.89
N PRO A 161 11.31 -8.99 6.83
CA PRO A 161 12.60 -8.29 7.03
C PRO A 161 12.49 -6.98 7.80
N GLN A 162 11.57 -6.09 7.44
CA GLN A 162 11.47 -4.82 8.15
C GLN A 162 10.87 -5.01 9.53
N GLN A 163 10.04 -6.04 9.70
CA GLN A 163 9.55 -6.43 11.01
C GLN A 163 10.70 -6.85 11.93
N ARG A 164 11.62 -7.68 11.42
CA ARG A 164 12.78 -8.06 12.20
C ARG A 164 13.58 -6.82 12.61
N ILE A 165 13.77 -5.88 11.69
CA ILE A 165 14.54 -4.69 12.01
C ILE A 165 13.83 -3.84 13.05
N ALA A 166 12.52 -3.67 12.90
CA ALA A 166 11.76 -2.85 13.85
C ALA A 166 11.80 -3.47 15.25
N TYR A 167 11.44 -4.75 15.36
CA TYR A 167 11.45 -5.37 16.69
C TYR A 167 12.86 -5.40 17.26
N GLY A 168 13.87 -5.48 16.39
CA GLY A 168 15.26 -5.43 16.84
C GLY A 168 15.67 -4.12 17.47
N LEU A 169 14.89 -3.04 17.26
CA LEU A 169 15.21 -1.76 17.87
C LEU A 169 14.81 -1.71 19.34
N VAL A 170 13.91 -2.59 19.78
CA VAL A 170 13.43 -2.55 21.15
C VAL A 170 14.58 -2.85 22.11
N LYS A 171 14.68 -2.06 23.18
CA LYS A 171 15.76 -2.28 24.13
C LYS A 171 15.45 -3.45 25.07
N SER A 172 14.23 -3.54 25.57
CA SER A 172 13.82 -4.72 26.34
C SER A 172 12.32 -4.91 26.23
N ALA A 173 11.90 -6.16 26.34
CA ALA A 173 10.49 -6.56 26.36
C ALA A 173 10.29 -7.47 27.56
N THR A 174 9.46 -7.04 28.50
CA THR A 174 9.28 -7.76 29.75
C THR A 174 7.80 -7.78 30.12
N ALA A 175 7.47 -8.66 31.07
CA ALA A 175 6.11 -8.80 31.60
C ALA A 175 6.18 -8.54 33.09
N PRO A 176 5.91 -7.31 33.54
CA PRO A 176 5.90 -7.06 34.99
C PRO A 176 4.89 -7.92 35.72
N ASP A 177 3.82 -8.33 35.06
CA ASP A 177 2.87 -9.31 35.57
C ASP A 177 2.20 -9.96 34.37
N PRO A 178 1.44 -11.04 34.57
CA PRO A 178 0.88 -11.77 33.41
C PRO A 178 -0.08 -10.96 32.54
N HIS A 179 -0.50 -9.76 32.95
CA HIS A 179 -1.43 -8.96 32.17
C HIS A 179 -0.84 -7.65 31.66
N ARG A 180 0.48 -7.50 31.71
CA ARG A 180 1.15 -6.30 31.22
C ARG A 180 2.39 -6.71 30.43
N VAL A 181 2.59 -6.04 29.29
CA VAL A 181 3.81 -6.18 28.49
C VAL A 181 4.44 -4.81 28.37
N ALA A 182 5.67 -4.67 28.86
CA ALA A 182 6.41 -3.40 28.87
C ALA A 182 7.52 -3.45 27.85
N TYR A 183 7.50 -2.51 26.91
CA TYR A 183 8.57 -2.36 25.92
C TYR A 183 9.39 -1.12 26.23
N ASP A 184 10.71 -1.31 26.41
CA ASP A 184 11.69 -0.26 26.55
C ASP A 184 12.18 0.22 25.19
N LEU A 185 11.88 1.48 24.85
CA LEU A 185 12.35 2.07 23.60
C LEU A 185 13.30 3.24 23.82
N THR A 186 14.01 3.31 24.96
CA THR A 186 14.92 4.43 25.18
C THR A 186 16.02 4.47 24.14
N GLY A 187 16.26 5.66 23.59
CA GLY A 187 17.34 5.88 22.66
C GLY A 187 17.05 5.53 21.22
N VAL A 188 15.85 5.07 20.89
CA VAL A 188 15.57 4.67 19.50
C VAL A 188 15.10 5.86 18.67
N GLY A 189 14.24 6.71 19.21
CA GLY A 189 13.75 7.86 18.47
C GLY A 189 12.86 7.54 17.29
N ASP A 190 12.13 6.42 17.33
CA ASP A 190 11.28 5.97 16.22
C ASP A 190 9.83 6.10 16.68
N ARG A 191 9.14 7.15 16.22
CA ARG A 191 7.79 7.40 16.73
C ARG A 191 6.76 6.42 16.18
N GLU A 192 7.09 5.68 15.12
CA GLU A 192 6.20 4.66 14.57
C GLU A 192 6.28 3.34 15.33
N LEU A 193 7.39 3.09 16.03
CA LEU A 193 7.61 1.78 16.63
C LEU A 193 6.52 1.33 17.61
N PRO A 194 5.96 2.19 18.48
CA PRO A 194 4.88 1.70 19.35
C PRO A 194 3.65 1.21 18.61
N LEU A 195 3.32 1.82 17.46
CA LEU A 195 2.16 1.36 16.69
C LEU A 195 2.47 0.07 15.96
N ILE A 196 3.72 -0.09 15.48
CA ILE A 196 4.14 -1.35 14.89
C ILE A 196 4.05 -2.48 15.91
N LEU A 197 4.50 -2.23 17.15
CA LEU A 197 4.37 -3.24 18.20
C LEU A 197 2.91 -3.53 18.51
N ALA A 198 2.05 -2.52 18.44
CA ALA A 198 0.64 -2.68 18.76
C ALA A 198 -0.11 -3.52 17.73
N ILE A 199 0.38 -3.63 16.50
CA ILE A 199 -0.33 -4.43 15.51
C ILE A 199 0.34 -5.79 15.29
N MET A 200 1.34 -6.14 16.09
CA MET A 200 1.92 -7.48 16.01
C MET A 200 0.84 -8.52 16.31
N PRO A 201 0.76 -9.62 15.53
CA PRO A 201 -0.20 -10.68 15.87
C PRO A 201 0.20 -11.39 17.15
N VAL A 202 -0.79 -11.79 17.93
CA VAL A 202 -0.54 -12.48 19.19
C VAL A 202 -0.81 -13.96 18.97
N LEU A 203 0.25 -14.76 19.05
CA LEU A 203 0.26 -16.18 18.71
C LEU A 203 0.33 -17.03 19.97
N PRO A 204 -0.23 -18.24 19.94
CA PRO A 204 -0.34 -19.07 21.16
C PRO A 204 0.93 -19.87 21.45
N LYS A 205 1.63 -19.48 22.52
CA LYS A 205 2.81 -20.24 22.93
C LYS A 205 2.49 -21.72 23.12
N HIS A 206 1.33 -22.04 23.70
CA HIS A 206 1.00 -23.43 23.99
C HIS A 206 0.65 -24.26 22.76
N ALA A 207 0.52 -23.63 21.58
CA ALA A 207 -0.01 -24.35 20.43
C ALA A 207 0.74 -24.09 19.12
N LEU A 208 1.87 -23.40 19.13
CA LEU A 208 2.61 -23.10 17.92
C LEU A 208 3.98 -23.77 18.01
N ASP A 209 4.29 -24.63 17.04
CA ASP A 209 5.58 -25.30 16.96
C ASP A 209 6.58 -24.35 16.32
N VAL A 210 7.55 -23.85 17.10
CA VAL A 210 8.41 -22.81 16.55
C VAL A 210 9.32 -23.37 15.45
N GLU A 211 9.65 -24.66 15.51
CA GLU A 211 10.54 -25.23 14.49
C GLU A 211 9.83 -25.36 13.15
N ARG A 212 8.50 -25.51 13.13
CA ARG A 212 7.72 -25.56 11.90
C ARG A 212 7.42 -24.19 11.32
N PHE A 213 7.73 -23.11 12.04
CA PHE A 213 7.28 -21.77 11.64
C PHE A 213 7.74 -21.41 10.23
N SER A 214 8.96 -21.82 9.86
CA SER A 214 9.49 -21.44 8.55
C SER A 214 9.03 -22.34 7.42
N ASP A 215 8.26 -23.39 7.70
CA ASP A 215 7.76 -24.30 6.67
C ASP A 215 6.42 -23.79 6.15
N ALA A 216 6.05 -24.25 4.96
CA ALA A 216 4.68 -24.09 4.47
C ALA A 216 3.81 -25.14 5.14
N THR A 217 2.78 -24.69 5.86
CA THR A 217 1.99 -25.56 6.71
C THR A 217 0.52 -25.43 6.35
N LEU A 218 -0.18 -26.57 6.27
CA LEU A 218 -1.61 -26.59 6.07
C LEU A 218 -2.38 -27.03 7.30
N ALA A 219 -1.70 -27.30 8.41
CA ALA A 219 -2.40 -27.57 9.66
C ALA A 219 -3.23 -26.35 10.04
N LYS A 220 -4.41 -26.60 10.57
CA LYS A 220 -5.29 -25.49 10.94
C LYS A 220 -4.67 -24.71 12.10
N PRO A 221 -4.30 -23.45 11.90
CA PRO A 221 -3.61 -22.70 12.95
C PRO A 221 -4.57 -22.18 14.01
N LEU A 222 -4.04 -22.07 15.23
CA LEU A 222 -4.82 -21.55 16.35
C LEU A 222 -4.65 -20.05 16.46
N GLY A 223 -5.78 -19.34 16.48
CA GLY A 223 -5.77 -17.91 16.75
C GLY A 223 -6.79 -17.53 17.81
N SER A 224 -7.07 -16.23 17.94
CA SER A 224 -8.04 -15.74 18.92
C SER A 224 -9.19 -14.98 18.28
N GLY A 225 -9.27 -14.97 16.95
CA GLY A 225 -10.22 -14.12 16.26
C GLY A 225 -11.61 -14.73 16.13
N PRO A 226 -12.48 -13.99 15.44
CA PRO A 226 -13.90 -14.40 15.34
C PRO A 226 -14.14 -15.68 14.56
N TYR A 227 -13.21 -16.12 13.73
CA TYR A 227 -13.38 -17.32 12.92
C TYR A 227 -12.28 -18.32 13.20
N VAL A 228 -12.62 -19.59 13.08
CA VAL A 228 -11.63 -20.67 13.08
C VAL A 228 -11.54 -21.26 11.69
N VAL A 229 -10.41 -21.91 11.41
CA VAL A 229 -10.20 -22.58 10.14
C VAL A 229 -10.89 -23.94 10.21
N ALA A 230 -11.95 -24.11 9.42
CA ALA A 230 -12.79 -25.29 9.46
C ALA A 230 -12.43 -26.33 8.42
N ASP A 231 -11.93 -25.90 7.26
CA ASP A 231 -11.54 -26.86 6.23
C ASP A 231 -10.51 -26.19 5.33
N VAL A 232 -9.57 -26.97 4.83
CA VAL A 232 -8.58 -26.44 3.89
C VAL A 232 -8.29 -27.50 2.84
N GLN A 233 -8.31 -27.07 1.58
CA GLN A 233 -7.89 -27.91 0.46
C GLN A 233 -6.85 -27.09 -0.30
N ALA A 234 -5.58 -27.48 -0.16
CA ALA A 234 -4.46 -26.68 -0.67
C ALA A 234 -4.69 -26.24 -2.11
N GLY A 235 -4.45 -24.95 -2.36
CA GLY A 235 -4.62 -24.38 -3.67
C GLY A 235 -6.03 -24.30 -4.18
N ALA A 236 -7.02 -24.67 -3.36
CA ALA A 236 -8.40 -24.75 -3.82
C ALA A 236 -9.32 -23.90 -2.96
N ARG A 237 -9.38 -24.15 -1.65
CA ARG A 237 -10.33 -23.41 -0.82
C ARG A 237 -9.85 -23.38 0.62
N LEU A 238 -10.23 -22.31 1.30
CA LEU A 238 -10.08 -22.17 2.74
C LEU A 238 -11.46 -21.82 3.30
N LEU A 239 -11.97 -22.64 4.21
CA LEU A 239 -13.28 -22.40 4.81
C LEU A 239 -13.10 -21.93 6.25
N LEU A 240 -13.63 -20.75 6.53
CA LEU A 240 -13.66 -20.19 7.87
C LEU A 240 -15.06 -20.33 8.44
N LYS A 241 -15.15 -20.67 9.72
CA LYS A 241 -16.44 -20.81 10.38
C LYS A 241 -16.39 -20.04 11.69
N ARG A 242 -17.48 -19.34 12.01
CA ARG A 242 -17.48 -18.51 13.20
C ARG A 242 -17.18 -19.35 14.45
N ASP A 243 -16.37 -18.79 15.34
CA ASP A 243 -16.21 -19.29 16.70
C ASP A 243 -17.38 -18.76 17.51
N PRO A 244 -18.32 -19.63 17.92
CA PRO A 244 -19.48 -19.14 18.68
C PRO A 244 -19.12 -18.50 20.01
N ASN A 245 -17.90 -18.71 20.50
CA ASN A 245 -17.48 -18.15 21.78
C ASN A 245 -16.35 -17.15 21.65
N TYR A 246 -16.17 -16.59 20.46
CA TYR A 246 -15.15 -15.57 20.22
C TYR A 246 -15.10 -14.54 21.35
N TRP A 247 -13.93 -14.41 21.97
CA TRP A 247 -13.83 -13.61 23.21
C TRP A 247 -14.22 -12.15 23.00
N GLY A 248 -13.97 -11.60 21.82
CA GLY A 248 -14.07 -10.16 21.62
C GLY A 248 -15.29 -9.69 20.86
N ALA A 249 -16.34 -10.52 20.82
CA ALA A 249 -17.48 -10.24 19.96
C ALA A 249 -18.15 -8.92 20.32
N ASP A 250 -18.06 -8.48 21.59
CA ASP A 250 -18.70 -7.25 22.01
C ASP A 250 -17.69 -6.16 22.41
N ILE A 251 -16.44 -6.31 21.99
CA ILE A 251 -15.45 -5.23 22.14
C ILE A 251 -15.82 -4.11 21.17
N PRO A 252 -15.72 -2.84 21.57
CA PRO A 252 -16.17 -1.75 20.67
C PRO A 252 -15.57 -1.80 19.27
N SER A 253 -14.26 -2.05 19.15
CA SER A 253 -13.61 -2.10 17.84
C SER A 253 -14.05 -3.29 16.99
N GLN A 254 -14.85 -4.20 17.55
CA GLN A 254 -15.31 -5.39 16.85
C GLN A 254 -16.81 -5.40 16.56
N ARG A 255 -17.57 -4.48 17.16
CA ARG A 255 -19.03 -4.50 17.01
C ARG A 255 -19.42 -4.13 15.60
N GLY A 256 -20.32 -4.91 15.01
CA GLY A 256 -20.74 -4.70 13.64
C GLY A 256 -19.90 -5.42 12.60
N PHE A 257 -18.77 -6.01 13.00
CA PHE A 257 -17.92 -6.74 12.08
C PHE A 257 -18.17 -8.24 12.25
N TYR A 258 -17.79 -9.00 11.23
CA TYR A 258 -17.79 -10.47 11.26
C TYR A 258 -19.21 -11.02 11.39
N ASN A 259 -19.98 -10.78 10.35
CA ASN A 259 -21.40 -11.09 10.37
C ASN A 259 -21.75 -12.41 9.73
N PHE A 260 -21.01 -12.82 8.71
CA PHE A 260 -21.25 -14.11 8.09
C PHE A 260 -20.89 -15.23 9.06
N ASP A 261 -21.68 -16.31 9.03
CA ASP A 261 -21.37 -17.46 9.86
C ASP A 261 -20.20 -18.25 9.28
N GLU A 262 -20.01 -18.19 7.97
CA GLU A 262 -18.95 -18.90 7.28
C GLU A 262 -18.42 -18.05 6.14
N ILE A 263 -17.12 -18.18 5.88
CA ILE A 263 -16.48 -17.52 4.75
C ILE A 263 -15.72 -18.58 3.97
N ASP A 264 -16.08 -18.76 2.70
CA ASP A 264 -15.43 -19.75 1.84
C ASP A 264 -14.56 -19.02 0.83
N LEU A 265 -13.25 -19.12 1.00
CA LEU A 265 -12.29 -18.45 0.11
C LEU A 265 -11.85 -19.46 -0.95
N GLN A 266 -12.27 -19.25 -2.19
CA GLN A 266 -11.96 -20.15 -3.29
C GLN A 266 -10.94 -19.51 -4.22
N TYR A 267 -9.97 -20.31 -4.66
CA TYR A 267 -8.88 -19.83 -5.50
C TYR A 267 -9.08 -20.31 -6.93
N PHE A 268 -8.77 -19.43 -7.88
CA PHE A 268 -9.05 -19.65 -9.29
C PHE A 268 -7.80 -19.42 -10.12
N ARG A 269 -7.61 -20.31 -11.12
CA ARG A 269 -6.54 -20.28 -12.12
C ARG A 269 -6.15 -18.88 -12.56
N ASP A 270 -7.07 -18.18 -13.22
CA ASP A 270 -6.79 -16.84 -13.69
C ASP A 270 -8.08 -16.03 -13.74
N GLY A 271 -7.97 -14.80 -14.24
CA GLY A 271 -9.05 -13.85 -14.13
C GLY A 271 -10.34 -14.29 -14.80
N ASN A 272 -10.23 -14.98 -15.95
CA ASN A 272 -11.44 -15.29 -16.71
CA ASN A 272 -11.44 -15.30 -16.72
C ASN A 272 -12.31 -16.32 -15.98
N SER A 273 -11.70 -17.37 -15.43
CA SER A 273 -12.51 -18.34 -14.71
C SER A 273 -13.05 -17.76 -13.40
N LEU A 274 -12.28 -16.85 -12.78
CA LEU A 274 -12.79 -16.14 -11.61
C LEU A 274 -13.99 -15.29 -11.98
N PHE A 275 -13.92 -14.58 -13.11
CA PHE A 275 -15.04 -13.77 -13.56
C PHE A 275 -16.24 -14.62 -13.93
N GLU A 276 -16.02 -15.76 -14.59
CA GLU A 276 -17.13 -16.64 -14.95
C GLU A 276 -17.85 -17.15 -13.70
N ALA A 277 -17.10 -17.47 -12.64
CA ALA A 277 -17.74 -17.93 -11.41
C ALA A 277 -18.62 -16.84 -10.81
N PHE A 278 -18.19 -15.57 -10.90
CA PHE A 278 -19.03 -14.47 -10.44
C PHE A 278 -20.31 -14.39 -11.28
N LYS A 279 -20.18 -14.43 -12.61
CA LYS A 279 -21.35 -14.34 -13.45
C LYS A 279 -22.33 -15.48 -13.18
N ALA A 280 -21.82 -16.66 -12.85
CA ALA A 280 -22.67 -17.81 -12.56
C ALA A 280 -23.28 -17.75 -11.17
N GLY A 281 -22.94 -16.76 -10.34
CA GLY A 281 -23.52 -16.68 -9.02
C GLY A 281 -22.86 -17.53 -7.96
N LEU A 282 -21.67 -18.07 -8.25
CA LEU A 282 -20.92 -18.89 -7.31
C LEU A 282 -20.00 -18.08 -6.42
N ILE A 283 -19.74 -16.83 -6.78
CA ILE A 283 -18.87 -15.94 -6.01
C ILE A 283 -19.65 -14.65 -5.78
N ASP A 284 -19.58 -14.11 -4.57
CA ASP A 284 -20.48 -13.04 -4.15
C ASP A 284 -19.93 -11.63 -4.38
N TYR A 285 -18.66 -11.49 -4.71
CA TYR A 285 -17.99 -10.19 -4.70
C TYR A 285 -16.75 -10.26 -5.58
N ARG A 286 -16.45 -9.17 -6.29
CA ARG A 286 -15.19 -9.08 -7.01
C ARG A 286 -14.75 -7.63 -7.12
N ASP A 287 -13.43 -7.44 -7.11
CA ASP A 287 -12.79 -6.18 -7.53
C ASP A 287 -12.38 -6.31 -8.99
N GLU A 288 -12.71 -5.30 -9.80
CA GLU A 288 -12.35 -5.29 -11.20
C GLU A 288 -11.09 -4.46 -11.41
N THR A 289 -10.09 -5.05 -12.08
CA THR A 289 -8.87 -4.32 -12.43
C THR A 289 -8.62 -4.27 -13.93
N SER A 290 -9.46 -4.91 -14.74
CA SER A 290 -9.29 -4.92 -16.20
C SER A 290 -10.16 -3.83 -16.80
N THR A 291 -9.53 -2.86 -17.49
CA THR A 291 -10.32 -1.82 -18.15
C THR A 291 -11.21 -2.40 -19.25
N THR A 292 -10.73 -3.42 -19.96
CA THR A 292 -11.55 -4.04 -21.00
C THR A 292 -12.80 -4.67 -20.41
N ARG A 293 -12.65 -5.42 -19.32
CA ARG A 293 -13.81 -6.09 -18.74
C ARG A 293 -14.76 -5.10 -18.11
N TRP A 294 -14.22 -4.11 -17.38
CA TRP A 294 -15.07 -3.07 -16.82
C TRP A 294 -15.83 -2.35 -17.93
N SER A 295 -15.16 -2.10 -19.05
CA SER A 295 -15.75 -1.33 -20.13
C SER A 295 -16.86 -2.10 -20.85
N THR A 296 -16.66 -3.40 -21.12
CA THR A 296 -17.59 -4.13 -21.97
C THR A 296 -18.07 -5.47 -21.41
N GLY A 297 -17.56 -5.93 -20.27
CA GLY A 297 -17.89 -7.26 -19.82
C GLY A 297 -19.04 -7.41 -18.85
N TYR A 298 -19.69 -6.31 -18.46
CA TYR A 298 -20.74 -6.37 -17.45
C TYR A 298 -22.13 -6.25 -18.06
N ASP A 299 -22.35 -6.96 -19.17
CA ASP A 299 -23.66 -6.98 -19.81
C ASP A 299 -24.22 -8.39 -19.77
N PHE A 300 -24.35 -8.96 -18.57
CA PHE A 300 -24.92 -10.29 -18.43
C PHE A 300 -26.22 -10.21 -17.63
N PRO A 301 -27.09 -11.22 -17.74
CA PRO A 301 -28.47 -11.06 -17.24
C PRO A 301 -28.58 -10.73 -15.76
N ALA A 302 -27.84 -11.44 -14.91
CA ALA A 302 -27.93 -11.20 -13.47
C ALA A 302 -27.65 -9.73 -13.12
N LEU A 303 -26.81 -9.08 -13.91
CA LEU A 303 -26.56 -7.65 -13.72
C LEU A 303 -27.79 -6.82 -14.07
N ARG A 304 -28.53 -7.25 -15.09
CA ARG A 304 -29.66 -6.44 -15.57
C ARG A 304 -30.92 -6.66 -14.74
N ASP A 305 -31.14 -7.86 -14.21
CA ASP A 305 -32.36 -8.14 -13.46
C ASP A 305 -32.19 -7.96 -11.96
N GLY A 306 -31.11 -7.31 -11.51
CA GLY A 306 -30.96 -6.92 -10.12
C GLY A 306 -30.39 -7.97 -9.19
N ARG A 307 -30.05 -9.17 -9.68
CA ARG A 307 -29.42 -10.16 -8.80
C ARG A 307 -27.99 -9.77 -8.42
N MET A 308 -27.33 -8.99 -9.26
CA MET A 308 -25.99 -8.50 -8.99
C MET A 308 -25.92 -7.04 -9.39
N ALA A 309 -24.93 -6.32 -8.84
CA ALA A 309 -24.78 -4.90 -9.11
C ALA A 309 -23.29 -4.56 -9.19
N ARG A 310 -22.96 -3.52 -9.93
CA ARG A 310 -21.60 -3.03 -9.91
C ARG A 310 -21.57 -1.56 -9.51
N GLU A 311 -20.46 -1.13 -8.93
CA GLU A 311 -20.34 0.21 -8.37
C GLU A 311 -18.91 0.69 -8.50
N SER A 312 -18.74 2.01 -8.54
CA SER A 312 -17.43 2.64 -8.38
C SER A 312 -17.42 3.39 -7.06
N LEU A 313 -16.43 3.12 -6.22
CA LEU A 313 -16.34 3.75 -4.90
C LEU A 313 -15.03 4.50 -4.76
N LYS A 314 -15.08 5.59 -4.00
CA LYS A 314 -13.90 6.41 -3.75
C LYS A 314 -13.82 6.73 -2.28
N ASN A 315 -12.63 6.75 -1.72
CA ASN A 315 -12.45 7.32 -0.39
C ASN A 315 -11.28 8.31 -0.46
N GLU A 316 -10.70 8.61 0.71
CA GLU A 316 -9.65 9.61 0.80
C GLU A 316 -8.26 9.02 0.81
N ASN A 317 -8.13 7.72 0.52
CA ASN A 317 -6.81 7.12 0.44
C ASN A 317 -6.04 7.71 -0.75
N PRO A 318 -4.78 8.09 -0.59
CA PRO A 318 -4.03 8.65 -1.72
C PRO A 318 -3.77 7.62 -2.81
N LYS A 319 -3.58 8.14 -4.02
CA LYS A 319 -3.41 7.33 -5.23
C LYS A 319 -1.99 7.51 -5.75
N GLY A 320 -1.61 6.62 -6.67
CA GLY A 320 -0.26 6.65 -7.22
C GLY A 320 0.70 5.88 -6.32
N LEU A 321 1.98 5.83 -6.69
CA LEU A 321 2.46 6.31 -7.98
C LEU A 321 3.27 5.19 -8.64
N ASN A 322 2.93 4.92 -9.90
CA ASN A 322 3.74 4.11 -10.81
C ASN A 322 4.33 5.03 -11.87
N GLY A 323 5.47 4.65 -12.44
CA GLY A 323 6.03 5.51 -13.47
C GLY A 323 7.21 4.87 -14.16
N PHE A 324 7.60 5.49 -15.28
CA PHE A 324 8.89 5.19 -15.88
C PHE A 324 10.00 5.76 -15.01
N VAL A 325 10.90 4.90 -14.54
CA VAL A 325 11.96 5.32 -13.62
C VAL A 325 13.24 5.53 -14.41
N PHE A 326 13.88 6.69 -14.23
CA PHE A 326 15.21 6.94 -14.79
C PHE A 326 16.28 6.35 -13.87
N ASN A 327 17.26 5.67 -14.45
CA ASN A 327 18.39 5.24 -13.64
C ASN A 327 19.38 6.39 -13.57
N THR A 328 19.26 7.20 -12.52
CA THR A 328 20.10 8.40 -12.46
C THR A 328 21.54 8.07 -12.10
N ARG A 329 21.86 6.80 -11.82
CA ARG A 329 23.25 6.42 -11.60
C ARG A 329 24.05 6.45 -12.90
N ARG A 330 23.38 6.39 -14.03
CA ARG A 330 24.05 6.34 -15.32
C ARG A 330 24.13 7.73 -15.94
N ALA A 331 25.27 8.03 -16.56
CA ALA A 331 25.57 9.41 -16.97
C ALA A 331 24.49 9.99 -17.87
N LEU A 332 23.85 9.18 -18.70
CA LEU A 332 22.86 9.73 -19.63
C LEU A 332 21.65 10.32 -18.92
N PHE A 333 21.36 9.94 -17.68
CA PHE A 333 20.19 10.44 -16.96
C PHE A 333 20.56 11.21 -15.69
N LYS A 334 21.76 11.77 -15.64
CA LYS A 334 22.17 12.46 -14.41
C LYS A 334 21.59 13.86 -14.29
N ASP A 335 21.13 14.47 -15.37
CA ASP A 335 20.70 15.87 -15.35
C ASP A 335 19.16 15.93 -15.19
N ALA A 336 18.70 16.57 -14.11
CA ALA A 336 17.25 16.64 -13.86
C ALA A 336 16.52 17.38 -14.98
N ARG A 337 17.21 18.30 -15.67
CA ARG A 337 16.59 19.04 -16.75
C ARG A 337 16.30 18.13 -17.94
N LEU A 338 17.23 17.21 -18.23
CA LEU A 338 16.96 16.23 -19.29
C LEU A 338 15.84 15.27 -18.88
N ARG A 339 15.83 14.83 -17.62
CA ARG A 339 14.74 13.96 -17.18
C ARG A 339 13.40 14.67 -17.31
N GLU A 340 13.33 15.94 -16.89
CA GLU A 340 12.09 16.70 -17.06
C GLU A 340 11.68 16.79 -18.52
N ALA A 341 12.64 17.10 -19.41
CA ALA A 341 12.32 17.20 -20.82
C ALA A 341 11.81 15.89 -21.40
N PHE A 342 12.45 14.77 -21.06
CA PHE A 342 11.96 13.49 -21.56
C PHE A 342 10.57 13.20 -21.06
N GLY A 343 10.28 13.59 -19.81
CA GLY A 343 8.95 13.38 -19.27
C GLY A 343 7.87 14.11 -20.03
N MET A 344 8.21 15.26 -20.63
CA MET A 344 7.24 16.03 -21.41
C MET A 344 6.74 15.27 -22.62
N MET A 345 7.47 14.27 -23.07
CA MET A 345 7.12 13.62 -24.32
C MET A 345 6.17 12.45 -24.13
N PHE A 346 5.87 12.04 -22.89
CA PHE A 346 4.93 10.94 -22.71
C PHE A 346 3.51 11.43 -22.95
N ASP A 347 2.78 10.80 -23.86
CA ASP A 347 1.44 11.24 -24.25
C ASP A 347 0.41 10.33 -23.58
N PHE A 348 -0.01 10.72 -22.38
CA PHE A 348 -0.95 9.87 -21.64
C PHE A 348 -2.31 9.82 -22.31
N GLU A 349 -2.79 10.95 -22.83
CA GLU A 349 -4.12 10.98 -23.42
C GLU A 349 -4.26 9.95 -24.53
N TRP A 350 -3.20 9.78 -25.33
CA TRP A 350 -3.24 8.76 -26.39
C TRP A 350 -3.34 7.34 -25.82
N VAL A 351 -2.53 7.01 -24.81
CA VAL A 351 -2.61 5.64 -24.30
C VAL A 351 -3.95 5.41 -23.60
N ASN A 352 -4.44 6.42 -22.87
CA ASN A 352 -5.70 6.25 -22.16
C ASN A 352 -6.83 5.95 -23.13
N ALA A 353 -6.88 6.67 -24.25
CA ALA A 353 -7.93 6.45 -25.22
C ALA A 353 -7.74 5.16 -26.02
N ASN A 354 -6.49 4.75 -26.24
CA ASN A 354 -6.27 3.61 -27.13
C ASN A 354 -6.17 2.28 -26.41
N TYR A 355 -5.78 2.25 -25.14
CA TYR A 355 -5.68 0.97 -24.44
C TYR A 355 -6.65 0.82 -23.28
N TYR A 356 -7.09 1.91 -22.66
CA TYR A 356 -7.76 1.78 -21.37
C TYR A 356 -9.18 2.33 -21.37
N ALA A 357 -9.77 2.51 -22.55
CA ALA A 357 -11.15 2.95 -22.70
C ALA A 357 -11.39 4.29 -22.00
N GLY A 358 -10.34 5.10 -21.88
CA GLY A 358 -10.44 6.39 -21.23
C GLY A 358 -10.70 6.36 -19.75
N LEU A 359 -10.49 5.21 -19.10
CA LEU A 359 -10.93 5.04 -17.72
C LEU A 359 -9.94 5.52 -16.68
N TYR A 360 -8.69 5.76 -17.05
CA TYR A 360 -7.68 6.13 -16.07
C TYR A 360 -7.51 7.64 -15.98
N THR A 361 -6.79 8.08 -14.95
CA THR A 361 -6.45 9.48 -14.79
C THR A 361 -4.96 9.60 -14.53
N ARG A 362 -4.35 10.67 -15.03
CA ARG A 362 -2.90 10.85 -14.87
C ARG A 362 -2.55 10.95 -13.40
N THR A 363 -1.47 10.28 -12.99
CA THR A 363 -0.92 10.46 -11.65
C THR A 363 -0.06 11.72 -11.61
N LYS A 364 -0.38 12.63 -10.68
CA LYS A 364 0.26 13.94 -10.64
C LYS A 364 1.10 14.16 -9.39
N SER A 365 1.17 13.19 -8.49
CA SER A 365 1.77 13.39 -7.18
C SER A 365 2.12 12.01 -6.64
N PHE A 366 3.12 11.97 -5.74
CA PHE A 366 3.38 10.72 -5.03
C PHE A 366 2.33 10.40 -4.00
N PHE A 367 1.45 11.35 -3.67
CA PHE A 367 0.33 11.12 -2.75
C PHE A 367 -0.92 11.75 -3.38
N ASP A 368 -1.28 11.27 -4.56
CA ASP A 368 -2.24 11.98 -5.41
C ASP A 368 -3.65 11.86 -4.86
N GLU A 369 -4.48 12.86 -5.20
CA GLU A 369 -5.90 12.88 -4.85
C GLU A 369 -6.10 12.74 -3.35
N SER A 370 -5.37 13.53 -2.57
CA SER A 370 -5.47 13.42 -1.12
C SER A 370 -4.95 14.70 -0.50
N GLU A 371 -5.17 14.81 0.81
CA GLU A 371 -4.72 15.98 1.55
C GLU A 371 -3.21 16.06 1.60
N LEU A 372 -2.50 14.95 1.35
CA LEU A 372 -1.04 14.94 1.40
C LEU A 372 -0.41 15.46 0.12
N SER A 373 -1.19 15.67 -0.92
CA SER A 373 -0.65 16.00 -2.24
C SER A 373 -0.20 17.45 -2.31
N SER A 374 0.94 17.68 -2.99
CA SER A 374 1.34 19.05 -3.32
C SER A 374 0.65 19.59 -4.55
N SER A 375 -0.11 18.75 -5.27
CA SER A 375 -0.61 19.11 -6.59
C SER A 375 -1.63 20.25 -6.51
N GLY A 376 -1.38 21.33 -7.25
CA GLY A 376 -2.30 22.44 -7.30
C GLY A 376 -2.40 23.26 -6.03
N ARG A 377 -1.47 23.11 -5.10
CA ARG A 377 -1.46 23.84 -3.84
C ARG A 377 -0.13 24.60 -3.73
N GLY A 378 -0.21 25.90 -3.49
CA GLY A 378 1.01 26.66 -3.22
C GLY A 378 1.60 26.25 -1.88
N ALA A 379 2.93 26.23 -1.81
CA ALA A 379 3.59 25.87 -0.56
C ALA A 379 3.23 26.87 0.52
N SER A 380 2.91 26.36 1.70
CA SER A 380 2.57 27.24 2.81
C SER A 380 3.84 27.87 3.38
N GLU A 381 3.64 28.85 4.28
CA GLU A 381 4.79 29.43 4.96
C GLU A 381 5.52 28.39 5.81
N LYS A 382 4.77 27.45 6.39
CA LYS A 382 5.41 26.39 7.17
C LYS A 382 6.17 25.43 6.26
N GLU A 383 5.63 25.14 5.07
CA GLU A 383 6.38 24.33 4.12
C GLU A 383 7.67 25.02 3.70
N ARG A 384 7.60 26.33 3.44
CA ARG A 384 8.79 27.05 3.01
C ARG A 384 9.83 27.07 4.11
N ALA A 385 9.40 27.12 5.37
CA ALA A 385 10.36 27.05 6.47
C ALA A 385 11.04 25.69 6.52
N LEU A 386 10.29 24.61 6.29
CA LEU A 386 10.90 23.27 6.23
C LEU A 386 11.93 23.18 5.11
N LEU A 387 11.65 23.83 3.99
CA LEU A 387 12.51 23.76 2.81
C LEU A 387 13.66 24.75 2.85
N ALA A 388 13.70 25.66 3.84
CA ALA A 388 14.70 26.72 3.84
C ALA A 388 16.15 26.24 3.74
N PRO A 389 16.57 25.16 4.42
CA PRO A 389 17.98 24.74 4.30
C PRO A 389 18.34 24.22 2.92
N TRP A 390 17.36 24.01 2.03
CA TRP A 390 17.55 23.33 0.75
C TRP A 390 17.05 24.21 -0.40
N PRO A 391 17.70 25.35 -0.65
CA PRO A 391 17.16 26.30 -1.63
C PRO A 391 17.14 25.78 -3.06
N ASP A 392 17.90 24.74 -3.39
CA ASP A 392 17.91 24.21 -4.75
C ASP A 392 16.95 23.04 -4.94
N ALA A 393 16.23 22.63 -3.91
CA ALA A 393 15.54 21.35 -3.97
C ALA A 393 14.25 21.37 -4.77
N VAL A 394 13.52 22.49 -4.81
CA VAL A 394 12.19 22.51 -5.39
C VAL A 394 12.13 23.52 -6.53
N ARG A 395 11.63 23.10 -7.69
CA ARG A 395 11.45 24.01 -8.81
C ARG A 395 10.30 24.99 -8.53
N ALA A 396 10.44 26.24 -9.01
CA ALA A 396 9.42 27.25 -8.74
C ALA A 396 8.03 26.80 -9.19
N GLU A 397 7.96 26.13 -10.35
CA GLU A 397 6.67 25.68 -10.88
C GLU A 397 5.99 24.73 -9.90
N ILE A 398 6.77 23.92 -9.21
CA ILE A 398 6.21 22.98 -8.24
C ILE A 398 5.99 23.65 -6.88
N LEU A 399 6.87 24.58 -6.50
CA LEU A 399 6.72 25.28 -5.23
C LEU A 399 5.40 26.04 -5.18
N GLU A 400 4.98 26.62 -6.31
CA GLU A 400 3.77 27.44 -6.32
C GLU A 400 2.51 26.65 -6.66
N GLY A 401 2.62 25.34 -6.86
CA GLY A 401 1.45 24.52 -7.16
C GLY A 401 0.90 24.68 -8.56
N GLU A 402 1.71 25.12 -9.51
CA GLU A 402 1.29 25.28 -10.89
C GLU A 402 1.67 24.10 -11.77
N TRP A 403 2.50 23.17 -11.29
CA TRP A 403 3.01 22.11 -12.14
C TRP A 403 2.06 20.92 -12.20
N ARG A 404 2.01 20.29 -13.36
CA ARG A 404 1.36 19.01 -13.59
C ARG A 404 2.18 18.27 -14.64
N PRO A 405 2.11 16.94 -14.68
CA PRO A 405 2.68 16.22 -15.83
C PRO A 405 2.08 16.78 -17.11
N PRO A 406 2.90 17.09 -18.11
CA PRO A 406 2.40 17.78 -19.30
C PRO A 406 1.22 17.04 -19.94
N VAL A 407 0.24 17.81 -20.36
CA VAL A 407 -0.93 17.31 -21.06
C VAL A 407 -0.73 17.55 -22.55
N SER A 408 -0.92 16.51 -23.34
CA SER A 408 -0.78 16.65 -24.78
C SER A 408 -2.13 16.96 -25.41
N ASP A 409 -2.10 17.42 -26.66
CA ASP A 409 -3.33 17.52 -27.43
C ASP A 409 -3.81 16.11 -27.78
N ASP A 414 2.08 18.38 -32.16
CA ASP A 414 2.72 18.52 -30.86
C ASP A 414 4.02 19.30 -30.90
N ARG A 415 4.12 20.28 -31.80
CA ARG A 415 5.38 21.00 -31.91
C ARG A 415 5.68 21.83 -30.66
N ASP A 416 4.64 22.37 -29.99
CA ASP A 416 4.89 23.14 -28.77
C ASP A 416 5.52 22.28 -27.69
N MET A 417 5.02 21.06 -27.51
CA MET A 417 5.56 20.17 -26.48
C MET A 417 6.97 19.73 -26.84
N ALA A 418 7.18 19.30 -28.08
CA ALA A 418 8.53 19.00 -28.54
C ALA A 418 9.43 20.22 -28.42
N ARG A 419 8.89 21.41 -28.67
CA ARG A 419 9.71 22.62 -28.55
C ARG A 419 10.08 22.90 -27.10
N ARG A 420 9.15 22.70 -26.17
CA ARG A 420 9.50 22.88 -24.76
C ARG A 420 10.59 21.90 -24.34
N ALA A 421 10.47 20.64 -24.78
CA ALA A 421 11.46 19.65 -24.43
C ALA A 421 12.83 19.99 -25.01
N LEU A 422 12.88 20.36 -26.29
CA LEU A 422 14.15 20.67 -26.93
C LEU A 422 14.81 21.90 -26.30
N ASP A 423 14.02 22.90 -25.90
CA ASP A 423 14.60 24.06 -25.25
C ASP A 423 15.25 23.68 -23.92
N LEU A 424 14.59 22.84 -23.13
CA LEU A 424 15.19 22.36 -21.89
C LEU A 424 16.44 21.55 -22.17
N LEU A 425 16.37 20.64 -23.15
CA LEU A 425 17.53 19.84 -23.50
C LEU A 425 18.70 20.71 -23.93
N ALA A 426 18.43 21.78 -24.70
CA ALA A 426 19.50 22.68 -25.10
C ALA A 426 20.19 23.30 -23.89
N ALA A 427 19.41 23.66 -22.86
CA ALA A 427 20.00 24.16 -21.62
C ALA A 427 20.83 23.09 -20.92
N ALA A 428 20.47 21.82 -21.06
CA ALA A 428 21.28 20.75 -20.50
C ALA A 428 22.43 20.36 -21.41
N GLY A 429 22.66 21.08 -22.49
CA GLY A 429 23.77 20.82 -23.37
C GLY A 429 23.53 19.80 -24.45
N CYS A 430 22.27 19.44 -24.73
CA CYS A 430 21.92 18.43 -25.72
C CYS A 430 21.19 19.08 -26.89
N ARG A 431 21.75 18.98 -28.09
CA ARG A 431 21.16 19.58 -29.27
C ARG A 431 21.01 18.55 -30.38
N VAL A 432 19.99 18.75 -31.21
CA VAL A 432 19.73 17.86 -32.33
C VAL A 432 20.65 18.25 -33.49
N ASP A 433 21.48 17.29 -33.93
CA ASP A 433 22.36 17.55 -35.07
C ASP A 433 21.58 17.43 -36.37
N GLY A 434 21.45 16.22 -36.89
CA GLY A 434 20.67 15.95 -38.09
C GLY A 434 19.28 15.51 -37.71
N ASP A 435 19.08 14.20 -37.60
CA ASP A 435 17.85 13.63 -37.09
C ASP A 435 18.01 13.09 -35.68
N ARG A 436 19.12 13.42 -35.00
CA ARG A 436 19.45 12.78 -33.74
C ARG A 436 19.76 13.81 -32.66
N LEU A 437 19.22 13.58 -31.47
CA LEU A 437 19.63 14.32 -30.29
C LEU A 437 21.05 13.90 -29.89
N MET A 438 21.94 14.86 -29.72
CA MET A 438 23.33 14.57 -29.38
C MET A 438 23.62 14.95 -27.93
N LYS A 439 24.32 14.06 -27.22
CA LYS A 439 24.84 14.36 -25.89
C LYS A 439 26.28 13.89 -25.80
N ASP A 440 27.17 14.79 -25.39
CA ASP A 440 28.61 14.49 -25.33
C ASP A 440 29.14 13.95 -26.65
N GLY A 441 28.65 14.52 -27.76
CA GLY A 441 29.15 14.14 -29.07
C GLY A 441 28.62 12.83 -29.64
N GLU A 442 27.68 12.16 -28.97
CA GLU A 442 27.12 10.88 -29.41
C GLU A 442 25.61 10.96 -29.49
N PRO A 443 24.99 10.21 -30.39
CA PRO A 443 23.51 10.20 -30.46
C PRO A 443 22.91 9.62 -29.19
N PHE A 444 21.81 10.20 -28.75
CA PHE A 444 21.21 9.76 -27.48
C PHE A 444 20.38 8.50 -27.74
N SER A 445 20.68 7.43 -27.01
CA SER A 445 19.85 6.24 -27.10
C SER A 445 19.87 5.49 -25.77
N PHE A 446 18.77 4.79 -25.49
CA PHE A 446 18.66 4.06 -24.23
C PHE A 446 17.64 2.96 -24.39
N GLU A 447 17.57 2.11 -23.37
CA GLU A 447 16.69 0.94 -23.39
C GLU A 447 15.70 1.03 -22.25
N ILE A 448 14.42 0.74 -22.53
CA ILE A 448 13.41 0.55 -21.49
C ILE A 448 13.22 -0.95 -21.28
N MET A 449 13.53 -1.44 -20.09
CA MET A 449 13.34 -2.85 -19.79
C MET A 449 11.92 -3.07 -19.29
N VAL A 450 11.20 -4.03 -19.88
CA VAL A 450 9.82 -4.29 -19.49
C VAL A 450 9.65 -5.78 -19.19
N LYS A 451 8.58 -6.09 -18.43
CA LYS A 451 8.35 -7.45 -17.97
C LYS A 451 7.12 -8.12 -18.55
N ASP A 452 6.20 -7.37 -19.17
CA ASP A 452 5.02 -8.01 -19.76
C ASP A 452 4.52 -7.18 -20.93
N ARG A 453 3.44 -7.66 -21.57
CA ARG A 453 2.93 -7.04 -22.79
C ARG A 453 2.32 -5.68 -22.53
N ASP A 454 1.61 -5.53 -21.39
CA ASP A 454 1.05 -4.22 -21.06
C ASP A 454 2.15 -3.18 -20.91
N GLN A 455 3.21 -3.50 -20.16
CA GLN A 455 4.34 -2.58 -20.05
C GLN A 455 4.98 -2.33 -21.41
N GLU A 456 5.14 -3.37 -22.22
CA GLU A 456 5.78 -3.20 -23.52
C GLU A 456 5.00 -2.23 -24.40
N ARG A 457 3.66 -2.31 -24.39
CA ARG A 457 2.89 -1.38 -25.21
C ARG A 457 3.04 0.05 -24.71
N LEU A 458 3.03 0.25 -23.40
CA LEU A 458 3.27 1.59 -22.85
C LEU A 458 4.63 2.11 -23.27
N ALA A 459 5.65 1.26 -23.19
CA ALA A 459 7.00 1.71 -23.50
C ALA A 459 7.16 1.98 -24.99
N LEU A 460 6.51 1.18 -25.84
CA LEU A 460 6.57 1.40 -27.28
C LEU A 460 5.91 2.72 -27.67
N ALA A 461 4.81 3.06 -26.99
CA ALA A 461 4.19 4.36 -27.25
C ALA A 461 5.14 5.48 -26.89
N TYR A 462 5.75 5.39 -25.71
CA TYR A 462 6.73 6.38 -25.27
C TYR A 462 7.90 6.45 -26.23
N ALA A 463 8.40 5.29 -26.69
CA ALA A 463 9.53 5.30 -27.61
C ALA A 463 9.20 6.04 -28.90
N SER A 464 7.98 5.83 -29.40
CA SER A 464 7.54 6.50 -30.61
C SER A 464 7.50 8.01 -30.42
N SER A 465 7.07 8.48 -29.24
CA SER A 465 7.07 9.91 -28.96
C SER A 465 8.48 10.48 -28.86
N LEU A 466 9.38 9.77 -28.19
CA LEU A 466 10.74 10.26 -28.03
C LEU A 466 11.48 10.31 -29.35
N ALA A 467 11.14 9.41 -30.28
CA ALA A 467 11.76 9.46 -31.60
C ALA A 467 11.54 10.82 -32.26
N ARG A 468 10.45 11.50 -31.91
CA ARG A 468 10.16 12.80 -32.52
C ARG A 468 11.13 13.90 -32.08
N ILE A 469 11.89 13.71 -31.00
CA ILE A 469 12.94 14.68 -30.65
C ILE A 469 14.31 14.03 -30.83
N GLY A 470 14.39 13.03 -31.72
CA GLY A 470 15.69 12.48 -32.09
C GLY A 470 16.30 11.49 -31.12
N VAL A 471 15.50 10.86 -30.27
CA VAL A 471 15.99 9.96 -29.22
C VAL A 471 15.67 8.53 -29.62
N GLU A 472 16.69 7.68 -29.64
CA GLU A 472 16.52 6.27 -29.98
C GLU A 472 16.20 5.49 -28.71
N VAL A 473 15.07 4.79 -28.71
CA VAL A 473 14.62 4.06 -27.52
C VAL A 473 14.38 2.61 -27.90
N ARG A 474 15.11 1.69 -27.29
CA ARG A 474 14.88 0.27 -27.50
C ARG A 474 14.03 -0.29 -26.36
N VAL A 475 12.93 -0.95 -26.70
CA VAL A 475 12.04 -1.55 -25.71
C VAL A 475 12.32 -3.05 -25.70
N ARG A 476 12.77 -3.58 -24.57
CA ARG A 476 13.13 -5.00 -24.51
C ARG A 476 12.36 -5.70 -23.39
N LEU A 477 11.54 -6.67 -23.80
CA LEU A 477 10.81 -7.53 -22.88
C LEU A 477 11.74 -8.65 -22.43
N VAL A 478 11.96 -8.78 -21.12
CA VAL A 478 12.88 -9.78 -20.63
C VAL A 478 12.13 -10.75 -19.73
N ASP A 479 12.61 -12.00 -19.66
CA ASP A 479 11.90 -13.00 -18.88
C ASP A 479 12.00 -12.70 -17.40
N GLU A 480 11.15 -13.38 -16.63
CA GLU A 480 11.00 -13.11 -15.20
C GLU A 480 12.32 -13.15 -14.45
N VAL A 481 13.15 -14.15 -14.72
CA VAL A 481 14.38 -14.32 -13.95
C VAL A 481 15.36 -13.18 -14.24
N GLN A 482 15.54 -12.86 -15.52
CA GLN A 482 16.45 -11.77 -15.90
C GLN A 482 15.93 -10.41 -15.43
N TYR A 483 14.62 -10.20 -15.53
CA TYR A 483 14.02 -8.94 -15.07
C TYR A 483 14.27 -8.72 -13.59
N GLN A 484 14.01 -9.74 -12.77
CA GLN A 484 14.21 -9.61 -11.34
C GLN A 484 15.70 -9.40 -11.02
N ARG A 485 16.59 -10.15 -11.66
CA ARG A 485 18.01 -9.97 -11.40
C ARG A 485 18.48 -8.58 -11.82
N ARG A 486 18.04 -8.12 -12.99
CA ARG A 486 18.49 -6.81 -13.45
C ARG A 486 17.89 -5.68 -12.62
N ARG A 487 16.66 -5.85 -12.14
CA ARG A 487 16.10 -4.83 -11.25
C ARG A 487 16.90 -4.76 -9.95
N GLN A 488 17.28 -5.93 -9.41
CA GLN A 488 18.02 -5.97 -8.15
C GLN A 488 19.40 -5.33 -8.27
N LYS A 489 20.05 -5.50 -9.41
CA LYS A 489 21.38 -4.95 -9.65
C LYS A 489 21.34 -3.56 -10.28
N PHE A 490 20.15 -3.02 -10.53
CA PHE A 490 19.99 -1.73 -11.21
C PHE A 490 20.63 -1.73 -12.60
N ASP A 491 20.51 -2.86 -13.30
CA ASP A 491 21.09 -2.99 -14.64
C ASP A 491 20.01 -2.65 -15.68
N PHE A 492 19.70 -1.37 -15.75
CA PHE A 492 18.73 -0.86 -16.71
C PHE A 492 18.99 0.64 -16.91
N ASP A 493 18.55 1.14 -18.06
CA ASP A 493 18.51 2.59 -18.26
C ASP A 493 17.21 3.17 -17.70
N MET A 494 16.10 2.50 -18.00
CA MET A 494 14.77 2.90 -17.58
C MET A 494 13.93 1.64 -17.40
N MET A 495 13.05 1.66 -16.42
CA MET A 495 12.12 0.57 -16.24
C MET A 495 10.88 1.16 -15.60
N ILE A 496 9.84 0.36 -15.45
CA ILE A 496 8.60 0.83 -14.81
C ILE A 496 8.64 0.38 -13.36
N GLY A 497 8.42 1.34 -12.44
CA GLY A 497 8.51 1.05 -11.03
C GLY A 497 7.28 1.52 -10.30
N GLN A 498 7.10 0.99 -9.09
CA GLN A 498 5.93 1.28 -8.27
C GLN A 498 6.35 1.87 -6.94
N TYR A 499 5.68 2.95 -6.52
CA TYR A 499 5.89 3.62 -5.22
C TYR A 499 4.50 3.84 -4.63
N VAL A 500 3.91 2.80 -4.05
CA VAL A 500 2.50 2.85 -3.65
C VAL A 500 2.31 3.89 -2.54
N ALA A 501 1.38 4.83 -2.77
CA ALA A 501 1.09 5.86 -1.77
C ALA A 501 0.35 5.28 -0.57
N SER A 502 0.62 5.84 0.59
CA SER A 502 -0.09 5.46 1.80
C SER A 502 -0.61 6.73 2.45
N ALA A 503 -1.68 6.60 3.23
CA ALA A 503 -2.21 7.73 3.96
C ALA A 503 -1.34 8.17 5.13
N SER A 504 -0.35 7.35 5.52
CA SER A 504 0.54 7.71 6.62
C SER A 504 1.95 7.26 6.27
N PRO A 505 2.60 7.95 5.31
CA PRO A 505 3.95 7.55 4.91
C PRO A 505 4.92 7.58 6.08
N GLY A 506 5.79 6.59 6.13
CA GLY A 506 6.67 6.40 7.28
C GLY A 506 8.01 5.85 6.89
N ASN A 507 8.51 4.90 7.68
CA ASN A 507 9.88 4.42 7.49
C ASN A 507 10.09 3.80 6.12
N GLU A 508 9.03 3.32 5.45
CA GLU A 508 9.21 2.74 4.12
C GLU A 508 9.68 3.78 3.11
N GLN A 509 9.50 5.07 3.39
CA GLN A 509 10.01 6.08 2.47
C GLN A 509 11.53 6.06 2.41
N ARG A 510 12.19 5.69 3.51
CA ARG A 510 13.65 5.60 3.47
C ARG A 510 14.11 4.51 2.50
N MET A 511 13.41 3.38 2.49
CA MET A 511 13.84 2.30 1.61
C MET A 511 13.72 2.73 0.14
N ARG A 512 12.68 3.50 -0.18
CA ARG A 512 12.41 3.86 -1.57
C ARG A 512 13.25 5.05 -2.06
N TRP A 513 13.65 5.96 -1.17
CA TRP A 513 14.18 7.24 -1.64
C TRP A 513 15.43 7.75 -0.91
N SER A 514 15.91 7.10 0.14
CA SER A 514 17.04 7.65 0.89
C SER A 514 18.35 7.43 0.16
N SER A 515 19.29 8.36 0.38
CA SER A 515 20.65 8.21 -0.17
C SER A 515 21.27 6.88 0.26
N ALA A 516 20.98 6.45 1.49
CA ALA A 516 21.57 5.24 2.04
C ALA A 516 21.21 4.00 1.22
N THR A 517 20.05 3.98 0.57
CA THR A 517 19.62 2.82 -0.19
C THR A 517 19.79 3.01 -1.69
N ALA A 518 20.29 4.16 -2.13
CA ALA A 518 20.39 4.43 -3.56
C ALA A 518 21.31 3.45 -4.28
N ASN A 519 22.30 2.89 -3.59
CA ASN A 519 23.26 1.98 -4.21
C ASN A 519 23.39 0.69 -3.43
N GLN A 520 22.27 0.22 -2.91
CA GLN A 520 22.16 -1.03 -2.16
C GLN A 520 21.37 -2.02 -3.02
N GLU A 521 22.01 -3.13 -3.39
CA GLU A 521 21.35 -4.10 -4.25
C GLU A 521 20.02 -4.56 -3.65
N SER A 522 19.03 -4.72 -4.53
CA SER A 522 17.67 -5.14 -4.23
C SER A 522 16.83 -4.09 -3.52
N SER A 523 17.33 -2.87 -3.35
CA SER A 523 16.50 -1.92 -2.63
C SER A 523 15.39 -1.40 -3.55
N PHE A 524 14.39 -0.75 -2.94
CA PHE A 524 13.28 -0.13 -3.64
C PHE A 524 13.64 1.19 -4.29
N ASN A 525 14.85 1.69 -4.08
CA ASN A 525 15.25 2.99 -4.62
C ASN A 525 15.75 2.80 -6.04
N LEU A 526 14.79 2.56 -6.95
CA LEU A 526 15.16 2.18 -8.32
C LEU A 526 15.87 3.30 -9.06
N ALA A 527 15.49 4.55 -8.81
CA ALA A 527 16.09 5.67 -9.53
C ALA A 527 17.50 5.99 -9.04
N GLY A 528 17.89 5.52 -7.86
CA GLY A 528 19.17 5.93 -7.31
C GLY A 528 19.17 7.34 -6.78
N ALA A 529 18.04 7.80 -6.25
CA ALA A 529 17.97 9.15 -5.69
C ALA A 529 18.85 9.24 -4.46
N ALA A 530 19.71 10.26 -4.41
CA ALA A 530 20.63 10.45 -3.27
C ALA A 530 20.74 11.96 -3.04
N SER A 531 19.75 12.52 -2.36
CA SER A 531 19.59 13.96 -2.20
C SER A 531 19.52 14.29 -0.72
N PRO A 532 20.36 15.20 -0.22
CA PRO A 532 20.21 15.60 1.18
C PRO A 532 18.85 16.19 1.49
N ALA A 533 18.22 16.85 0.52
CA ALA A 533 16.90 17.44 0.75
C ALA A 533 15.83 16.37 0.86
N ILE A 534 15.92 15.30 0.07
CA ILE A 534 14.99 14.18 0.27
C ILE A 534 15.17 13.60 1.66
N ASP A 535 16.42 13.30 2.03
CA ASP A 535 16.69 12.73 3.34
C ASP A 535 16.19 13.64 4.45
N GLY A 536 16.38 14.96 4.28
CA GLY A 536 15.93 15.89 5.30
C GLY A 536 14.42 15.95 5.41
N MET A 537 13.71 15.89 4.29
CA MET A 537 12.24 15.87 4.38
C MET A 537 11.70 14.56 4.91
N ILE A 538 12.36 13.44 4.62
CA ILE A 538 11.96 12.18 5.26
C ILE A 538 12.12 12.30 6.77
N SER A 539 13.25 12.83 7.22
CA SER A 539 13.42 13.04 8.65
C SER A 539 12.33 13.93 9.21
N ALA A 540 11.92 14.95 8.46
CA ALA A 540 10.91 15.88 8.97
C ALA A 540 9.54 15.23 9.05
N LEU A 541 9.17 14.42 8.06
CA LEU A 541 7.87 13.76 8.17
C LEU A 541 7.90 12.66 9.22
N LEU A 542 9.07 12.07 9.49
CA LEU A 542 9.13 11.02 10.50
C LEU A 542 9.09 11.59 11.93
N SER A 543 9.49 12.84 12.11
CA SER A 543 9.53 13.45 13.44
C SER A 543 8.34 14.35 13.72
N ALA A 544 7.54 14.68 12.70
CA ALA A 544 6.35 15.50 12.94
C ALA A 544 5.48 14.84 13.99
N ARG A 545 4.92 15.64 14.88
CA ARG A 545 4.05 15.09 15.92
C ARG A 545 2.58 15.36 15.66
N SER A 546 2.21 16.59 15.31
CA SER A 546 0.82 16.91 15.07
C SER A 546 0.42 16.52 13.64
N GLN A 547 -0.87 16.26 13.46
CA GLN A 547 -1.34 15.90 12.12
C GLN A 547 -1.09 17.04 11.13
N GLU A 548 -1.23 18.29 11.60
CA GLU A 548 -1.01 19.43 10.72
C GLU A 548 0.45 19.53 10.30
N ASP A 549 1.38 19.32 11.24
CA ASP A 549 2.79 19.35 10.88
C ASP A 549 3.16 18.16 9.99
N PHE A 550 2.50 17.02 10.17
CA PHE A 550 2.74 15.88 9.29
C PHE A 550 2.31 16.17 7.86
N VAL A 551 1.11 16.72 7.68
CA VAL A 551 0.66 17.06 6.34
C VAL A 551 1.61 18.06 5.69
N THR A 552 2.03 19.08 6.45
CA THR A 552 3.00 20.04 5.95
C THR A 552 4.26 19.35 5.42
N ALA A 553 4.82 18.44 6.23
CA ALA A 553 6.06 17.79 5.84
C ALA A 553 5.88 16.91 4.61
N VAL A 554 4.76 16.19 4.52
CA VAL A 554 4.58 15.29 3.37
C VAL A 554 4.38 16.10 2.09
N ARG A 555 3.63 17.19 2.16
CA ARG A 555 3.49 18.06 0.99
C ARG A 555 4.84 18.59 0.54
N ALA A 556 5.67 19.06 1.47
CA ALA A 556 7.01 19.53 1.10
C ALA A 556 7.84 18.39 0.52
N TYR A 557 7.75 17.22 1.14
CA TYR A 557 8.44 16.03 0.62
C TYR A 557 8.00 15.70 -0.80
N ASP A 558 6.70 15.75 -1.07
CA ASP A 558 6.16 15.54 -2.41
C ASP A 558 6.82 16.49 -3.40
N ARG A 559 6.90 17.79 -3.05
CA ARG A 559 7.52 18.77 -3.93
C ARG A 559 8.97 18.43 -4.25
N VAL A 560 9.72 17.97 -3.24
CA VAL A 560 11.13 17.64 -3.48
C VAL A 560 11.24 16.42 -4.40
N LEU A 561 10.45 15.38 -4.16
CA LEU A 561 10.48 14.21 -5.03
C LEU A 561 10.12 14.59 -6.46
N LEU A 562 9.02 15.32 -6.63
CA LEU A 562 8.59 15.67 -7.98
C LEU A 562 9.64 16.54 -8.69
N SER A 563 10.29 17.44 -7.95
CA SER A 563 11.25 18.36 -8.53
C SER A 563 12.52 17.67 -9.01
N GLY A 564 12.75 16.43 -8.60
CA GLY A 564 13.88 15.67 -9.10
C GLY A 564 13.63 14.98 -10.42
N PHE A 565 12.37 14.86 -10.83
CA PHE A 565 12.02 14.16 -12.08
C PHE A 565 12.71 12.80 -12.14
N TYR A 566 12.62 12.07 -11.03
CA TYR A 566 13.17 10.72 -10.98
C TYR A 566 12.31 9.74 -11.75
N VAL A 567 11.03 10.07 -11.94
CA VAL A 567 10.09 9.17 -12.58
C VAL A 567 9.28 10.00 -13.59
N VAL A 568 8.77 9.33 -14.60
CA VAL A 568 7.71 9.88 -15.44
C VAL A 568 6.40 9.29 -14.94
N PRO A 569 5.55 10.05 -14.25
CA PRO A 569 4.39 9.44 -13.60
C PRO A 569 3.46 8.86 -14.64
N LEU A 570 2.86 7.71 -14.31
CA LEU A 570 1.90 7.08 -15.20
C LEU A 570 0.49 7.46 -14.75
N PHE A 571 -0.33 6.48 -14.31
CA PHE A 571 -1.76 6.77 -14.19
C PHE A 571 -2.41 5.79 -13.22
N HIS A 572 -3.64 6.11 -12.80
CA HIS A 572 -4.35 5.32 -11.81
C HIS A 572 -5.85 5.45 -12.06
N ALA A 573 -6.62 4.56 -11.42
CA ALA A 573 -8.06 4.67 -11.40
C ALA A 573 -8.46 5.52 -10.19
N SER A 574 -9.29 6.54 -10.43
CA SER A 574 -9.69 7.41 -9.33
C SER A 574 -10.61 6.69 -8.36
N GLU A 575 -11.33 5.68 -8.84
CA GLU A 575 -12.26 4.93 -8.02
C GLU A 575 -11.92 3.44 -8.05
N GLN A 576 -12.43 2.73 -7.04
CA GLN A 576 -12.37 1.28 -7.01
C GLN A 576 -13.61 0.70 -7.68
N TRP A 577 -13.40 -0.22 -8.61
CA TRP A 577 -14.48 -0.84 -9.39
C TRP A 577 -14.82 -2.19 -8.74
N ILE A 578 -16.07 -2.33 -8.28
CA ILE A 578 -16.47 -3.57 -7.62
C ILE A 578 -17.79 -4.06 -8.22
N ALA A 579 -18.08 -5.34 -7.99
CA ALA A 579 -19.37 -5.91 -8.32
C ALA A 579 -19.71 -6.94 -7.25
N HIS A 580 -21.01 -7.14 -7.01
CA HIS A 580 -21.39 -8.02 -5.92
C HIS A 580 -22.83 -8.49 -6.11
N SER A 581 -23.11 -9.64 -5.50
CA SER A 581 -24.50 -10.09 -5.36
C SER A 581 -25.30 -9.06 -4.57
N THR A 582 -26.57 -8.89 -4.93
CA THR A 582 -27.41 -7.99 -4.14
C THR A 582 -27.93 -8.64 -2.87
N ASP A 583 -27.63 -9.93 -2.67
CA ASP A 583 -27.98 -10.60 -1.43
C ASP A 583 -27.04 -10.27 -0.29
N ILE A 584 -25.91 -9.61 -0.55
CA ILE A 584 -25.06 -9.11 0.53
C ILE A 584 -25.07 -7.61 0.49
N VAL A 585 -24.95 -6.99 1.67
CA VAL A 585 -25.04 -5.53 1.80
C VAL A 585 -23.93 -5.04 2.72
N ARG A 586 -23.71 -3.73 2.70
CA ARG A 586 -22.64 -3.10 3.46
C ARG A 586 -23.19 -1.88 4.18
N PRO A 587 -22.46 -1.35 5.17
CA PRO A 587 -22.94 -0.16 5.87
C PRO A 587 -23.05 1.04 4.94
N GLU A 588 -23.91 1.99 5.32
CA GLU A 588 -24.08 3.19 4.53
C GLU A 588 -22.80 3.99 4.43
N ARG A 589 -21.97 3.92 5.46
CA ARG A 589 -20.74 4.72 5.51
C ARG A 589 -19.55 3.79 5.36
N SER A 590 -18.74 4.04 4.33
CA SER A 590 -17.53 3.28 4.06
C SER A 590 -16.33 3.96 4.69
N PRO A 591 -15.24 3.22 4.94
CA PRO A 591 -14.09 3.83 5.62
C PRO A 591 -13.42 4.89 4.77
N ARG A 592 -12.96 5.96 5.42
CA ARG A 592 -12.33 7.07 4.70
C ARG A 592 -10.97 6.70 4.12
N TYR A 593 -10.29 5.70 4.66
CA TYR A 593 -8.94 5.38 4.24
C TYR A 593 -8.83 3.90 3.92
N GLY A 594 -7.67 3.52 3.40
CA GLY A 594 -7.42 2.14 3.02
C GLY A 594 -7.63 1.85 1.55
N SER A 595 -6.80 0.97 1.01
CA SER A 595 -7.01 0.45 -0.34
C SER A 595 -6.52 -1.00 -0.36
N PRO A 596 -7.34 -1.93 -0.85
CA PRO A 596 -8.73 -1.79 -1.30
C PRO A 596 -9.62 -1.28 -0.17
N ILE A 597 -10.78 -0.73 -0.51
CA ILE A 597 -11.63 -0.13 0.52
C ILE A 597 -12.14 -1.19 1.49
N PHE A 598 -12.45 -2.39 1.00
CA PHE A 598 -12.89 -3.48 1.86
C PHE A 598 -11.86 -4.60 1.88
N GLY A 599 -11.77 -5.28 3.03
CA GLY A 599 -10.88 -6.41 3.16
C GLY A 599 -11.33 -7.55 2.27
N PRO A 600 -10.48 -8.56 2.09
CA PRO A 600 -10.85 -9.67 1.18
C PRO A 600 -12.05 -10.46 1.64
N THR A 601 -12.36 -10.47 2.94
CA THR A 601 -13.52 -11.21 3.43
C THR A 601 -14.66 -10.31 3.88
N LEU A 602 -14.62 -9.02 3.52
CA LEU A 602 -15.77 -8.12 3.69
C LEU A 602 -16.27 -8.10 5.13
N GLU A 603 -15.36 -7.80 6.06
CA GLU A 603 -15.71 -7.89 7.48
C GLU A 603 -16.89 -7.01 7.87
N SER A 604 -17.13 -5.90 7.17
CA SER A 604 -18.27 -5.05 7.53
C SER A 604 -19.56 -5.40 6.81
N TRP A 605 -19.54 -6.30 5.83
CA TRP A 605 -20.74 -6.63 5.08
C TRP A 605 -21.57 -7.69 5.80
N TRP A 606 -22.76 -7.96 5.28
CA TRP A 606 -23.60 -9.00 5.88
C TRP A 606 -24.63 -9.48 4.86
N ARG A 607 -25.27 -10.60 5.20
CA ARG A 607 -26.29 -11.19 4.33
C ARG A 607 -27.63 -10.49 4.55
N LYS A 608 -28.26 -10.06 3.48
CA LYS A 608 -29.53 -9.35 3.60
C LYS A 608 -30.63 -10.31 4.05
N ASN A 609 -31.53 -9.83 4.90
CA ASN A 609 -32.63 -10.71 5.30
C ASN A 609 -33.83 -10.52 4.37
S SO4 B . -18.73 -27.60 2.42
O1 SO4 B . -18.07 -28.27 3.52
O2 SO4 B . -18.00 -27.81 1.17
O3 SO4 B . -20.09 -28.11 2.26
O4 SO4 B . -18.78 -26.17 2.71
S SO4 C . 27.75 5.14 -17.02
O1 SO4 C . 27.71 3.94 -16.19
O2 SO4 C . 29.09 5.28 -17.62
O3 SO4 C . 26.76 5.03 -18.08
O4 SO4 C . 27.49 6.32 -16.19
S SO4 D . 13.60 27.12 -11.06
O1 SO4 D . 14.47 28.28 -11.09
O2 SO4 D . 14.36 25.93 -11.43
O3 SO4 D . 12.50 27.31 -12.01
O4 SO4 D . 13.06 26.97 -9.71
S SO4 E . -7.12 -10.56 -15.83
O1 SO4 E . -6.62 -11.43 -14.77
O2 SO4 E . -6.11 -10.42 -16.87
O3 SO4 E . -8.33 -11.14 -16.42
O4 SO4 E . -7.43 -9.24 -15.26
S SO4 F . 8.67 -6.07 4.87
O1 SO4 F . 10.01 -6.32 5.38
O2 SO4 F . 8.26 -7.19 4.03
O3 SO4 F . 7.75 -5.92 5.99
O4 SO4 F . 8.67 -4.84 4.07
#